data_3TGV
#
_entry.id   3TGV
#
_cell.length_a   80.063
_cell.length_b   80.063
_cell.length_c   125.835
_cell.angle_alpha   90.00
_cell.angle_beta   90.00
_cell.angle_gamma   90.00
#
_symmetry.space_group_name_H-M   'P 41'
#
loop_
_entity.id
_entity.type
_entity.pdbx_description
1 polymer 'Heme-binding protein HutZ'
2 non-polymer 'BENZOIC ACID'
3 water water
#
_entity_poly.entity_id   1
_entity_poly.type   'polypeptide(L)'
_entity_poly.pdbx_seq_one_letter_code
;MRLEPEIKEFRQERKTLQLATVDAQGRPNVSYAPFVQNQEGYFVLISHIARHARNLEVNPQVSIMMIEDETEAKQLFARK
RLTFDAVASMVERDSELWCQVIAQMGERFGEIIDGLSQLQDFMLFRLQPEQGLFVKGFGLEHHHHHHH
;
_entity_poly.pdbx_strand_id   A,B,C,D
#
# COMPACT_ATOMS: atom_id res chain seq x y z
N MET A 1 -5.77 17.52 -25.79
CA MET A 1 -5.95 17.07 -27.18
C MET A 1 -7.43 16.87 -27.47
N ARG A 2 -7.83 17.05 -28.73
CA ARG A 2 -9.22 16.83 -29.07
C ARG A 2 -9.50 15.34 -29.14
N LEU A 3 -10.76 14.98 -28.91
CA LEU A 3 -11.22 13.62 -28.83
C LEU A 3 -10.80 12.78 -30.04
N GLU A 4 -11.11 13.27 -31.23
CA GLU A 4 -10.90 12.47 -32.43
C GLU A 4 -9.43 12.11 -32.70
N PRO A 5 -8.53 13.12 -32.70
CA PRO A 5 -7.11 12.84 -32.86
C PRO A 5 -6.52 11.98 -31.73
N GLU A 6 -7.05 12.11 -30.52
CA GLU A 6 -6.53 11.32 -29.42
C GLU A 6 -6.91 9.86 -29.63
N ILE A 7 -8.14 9.63 -30.08
CA ILE A 7 -8.56 8.29 -30.40
C ILE A 7 -7.67 7.67 -31.48
N LYS A 8 -7.38 8.46 -32.51
CA LYS A 8 -6.51 8.00 -33.58
C LYS A 8 -5.13 7.62 -33.04
N GLU A 9 -4.50 8.52 -32.31
CA GLU A 9 -3.18 8.23 -31.76
C GLU A 9 -3.18 6.95 -30.93
N PHE A 10 -4.23 6.76 -30.13
CA PHE A 10 -4.35 5.60 -29.25
C PHE A 10 -4.46 4.32 -30.06
N ARG A 11 -5.32 4.32 -31.09
CA ARG A 11 -5.51 3.12 -31.90
C ARG A 11 -4.21 2.76 -32.61
N GLN A 12 -3.44 3.77 -32.98
CA GLN A 12 -2.17 3.55 -33.68
C GLN A 12 -1.06 3.06 -32.75
N GLU A 13 -1.06 3.53 -31.51
CA GLU A 13 -0.02 3.17 -30.57
C GLU A 13 -0.25 1.79 -29.95
N ARG A 14 -1.50 1.49 -29.58
CA ARG A 14 -1.80 0.23 -28.93
C ARG A 14 -1.62 -0.91 -29.92
N LYS A 15 -0.93 -1.98 -29.50
CA LYS A 15 -0.62 -3.07 -30.39
C LYS A 15 -1.42 -4.33 -30.07
N THR A 16 -2.12 -4.34 -28.94
CA THR A 16 -2.81 -5.54 -28.49
C THR A 16 -4.28 -5.29 -28.14
N LEU A 17 -5.10 -6.31 -28.40
CA LEU A 17 -6.48 -6.34 -27.95
C LEU A 17 -6.61 -7.30 -26.79
N GLN A 18 -7.41 -6.92 -25.80
CA GLN A 18 -7.86 -7.89 -24.81
C GLN A 18 -9.21 -8.42 -25.25
N LEU A 19 -9.39 -9.73 -25.13
CA LEU A 19 -10.57 -10.41 -25.67
C LEU A 19 -11.32 -11.22 -24.61
N ALA A 20 -12.64 -11.10 -24.65
CA ALA A 20 -13.50 -12.02 -23.91
C ALA A 20 -14.24 -12.90 -24.91
N THR A 21 -13.99 -14.22 -24.86
CA THR A 21 -14.64 -15.15 -25.76
C THR A 21 -15.48 -16.14 -24.95
N VAL A 22 -16.24 -16.98 -25.64
CA VAL A 22 -17.09 -17.95 -24.95
C VAL A 22 -17.07 -19.27 -25.70
N ASP A 23 -17.13 -20.37 -24.97
CA ASP A 23 -17.25 -21.67 -25.62
C ASP A 23 -18.72 -21.97 -25.93
N ALA A 24 -18.99 -23.13 -26.50
CA ALA A 24 -20.34 -23.45 -26.99
C ALA A 24 -21.41 -23.39 -25.91
N GLN A 25 -21.00 -23.60 -24.65
CA GLN A 25 -21.92 -23.52 -23.53
C GLN A 25 -21.86 -22.15 -22.84
N GLY A 26 -21.13 -21.22 -23.44
CA GLY A 26 -21.02 -19.88 -22.88
C GLY A 26 -20.17 -19.72 -21.63
N ARG A 27 -19.18 -20.58 -21.45
CA ARG A 27 -18.16 -20.35 -20.43
C ARG A 27 -17.18 -19.29 -20.95
N PRO A 28 -16.97 -18.21 -20.18
CA PRO A 28 -16.12 -17.08 -20.58
C PRO A 28 -14.62 -17.40 -20.56
N ASN A 29 -13.88 -16.77 -21.45
CA ASN A 29 -12.42 -16.83 -21.37
C ASN A 29 -11.86 -15.44 -21.69
N VAL A 30 -10.87 -15.00 -20.92
CA VAL A 30 -10.17 -13.76 -21.21
C VAL A 30 -8.75 -14.06 -21.70
N SER A 31 -8.30 -13.29 -22.68
CA SER A 31 -7.01 -13.54 -23.32
C SER A 31 -6.61 -12.24 -23.96
N TYR A 32 -5.47 -12.24 -24.66
CA TYR A 32 -5.08 -11.09 -25.47
C TYR A 32 -4.53 -11.55 -26.82
N ALA A 33 -4.44 -10.63 -27.77
CA ALA A 33 -3.79 -10.91 -29.05
C ALA A 33 -3.31 -9.61 -29.68
N PRO A 34 -2.06 -9.61 -30.18
CA PRO A 34 -1.65 -8.49 -31.02
C PRO A 34 -2.62 -8.40 -32.20
N PHE A 35 -2.82 -7.22 -32.77
CA PHE A 35 -3.81 -7.05 -33.82
C PHE A 35 -3.33 -6.06 -34.87
N VAL A 36 -3.97 -6.09 -36.03
CA VAL A 36 -3.94 -4.97 -36.95
C VAL A 36 -5.38 -4.63 -37.28
N GLN A 37 -5.62 -3.40 -37.75
CA GLN A 37 -6.97 -3.03 -38.17
C GLN A 37 -6.95 -2.32 -39.51
N ASN A 38 -8.02 -2.52 -40.26
CA ASN A 38 -8.18 -1.90 -41.56
C ASN A 38 -9.65 -1.80 -41.92
N GLN A 39 -9.92 -1.54 -43.19
CA GLN A 39 -11.28 -1.23 -43.64
C GLN A 39 -12.20 -2.43 -43.48
N GLU A 40 -11.60 -3.62 -43.36
CA GLU A 40 -12.32 -4.87 -43.31
C GLU A 40 -12.60 -5.33 -41.87
N GLY A 41 -11.95 -4.71 -40.90
CA GLY A 41 -12.16 -5.02 -39.49
C GLY A 41 -10.87 -5.13 -38.71
N TYR A 42 -10.96 -5.72 -37.52
CA TYR A 42 -9.77 -6.00 -36.73
C TYR A 42 -9.33 -7.44 -36.94
N PHE A 43 -8.03 -7.68 -36.95
CA PHE A 43 -7.54 -9.02 -37.21
C PHE A 43 -6.56 -9.50 -36.15
N VAL A 44 -6.77 -10.73 -35.69
CA VAL A 44 -5.81 -11.36 -34.78
C VAL A 44 -5.37 -12.71 -35.34
N LEU A 45 -4.11 -13.07 -35.07
CA LEU A 45 -3.52 -14.31 -35.55
C LEU A 45 -3.17 -15.16 -34.33
N ILE A 46 -4.01 -16.16 -34.06
CA ILE A 46 -3.95 -16.86 -32.78
C ILE A 46 -3.92 -18.39 -32.92
N SER A 47 -3.55 -19.07 -31.84
CA SER A 47 -3.32 -20.51 -31.87
C SER A 47 -4.53 -21.33 -31.49
N HIS A 48 -4.88 -22.30 -32.35
CA HIS A 48 -5.97 -23.23 -32.09
C HIS A 48 -5.71 -24.05 -30.82
N ILE A 49 -4.46 -24.11 -30.39
CA ILE A 49 -4.17 -24.77 -29.12
C ILE A 49 -4.79 -24.01 -27.93
N ALA A 50 -4.90 -22.69 -28.03
CA ALA A 50 -5.44 -21.90 -26.94
C ALA A 50 -6.97 -21.82 -27.01
N ARG A 51 -7.61 -21.59 -25.87
CA ARG A 51 -9.07 -21.56 -25.80
C ARG A 51 -9.71 -20.49 -26.66
N HIS A 52 -9.11 -19.31 -26.73
CA HIS A 52 -9.82 -18.21 -27.41
C HIS A 52 -10.04 -18.52 -28.90
N ALA A 53 -9.10 -19.24 -29.50
CA ALA A 53 -9.24 -19.64 -30.90
C ALA A 53 -10.31 -20.72 -31.08
N ARG A 54 -10.33 -21.69 -30.18
CA ARG A 54 -11.38 -22.71 -30.24
C ARG A 54 -12.75 -22.14 -29.91
N ASN A 55 -12.78 -21.15 -29.01
CA ASN A 55 -14.03 -20.44 -28.72
C ASN A 55 -14.55 -19.66 -29.92
N LEU A 56 -13.70 -18.86 -30.56
CA LEU A 56 -14.18 -18.06 -31.68
C LEU A 56 -14.65 -18.95 -32.84
N GLU A 57 -14.10 -20.17 -32.89
CA GLU A 57 -14.49 -21.15 -33.91
C GLU A 57 -15.92 -21.64 -33.73
N VAL A 58 -16.31 -21.92 -32.50
CA VAL A 58 -17.61 -22.51 -32.24
C VAL A 58 -18.68 -21.48 -31.89
N ASN A 59 -18.25 -20.35 -31.36
CA ASN A 59 -19.16 -19.34 -30.85
C ASN A 59 -18.60 -17.96 -31.16
N PRO A 60 -18.97 -17.42 -32.33
CA PRO A 60 -18.24 -16.32 -32.97
C PRO A 60 -18.53 -14.94 -32.41
N GLN A 61 -18.77 -14.83 -31.11
CA GLN A 61 -18.95 -13.52 -30.52
C GLN A 61 -17.80 -13.21 -29.57
N VAL A 62 -17.36 -11.96 -29.58
CA VAL A 62 -16.24 -11.52 -28.78
C VAL A 62 -16.54 -10.15 -28.21
N SER A 63 -16.05 -9.90 -27.00
CA SER A 63 -16.00 -8.55 -26.47
C SER A 63 -14.53 -8.12 -26.52
N ILE A 64 -14.28 -6.96 -27.13
CA ILE A 64 -12.91 -6.49 -27.37
C ILE A 64 -12.56 -5.23 -26.58
N MET A 65 -11.35 -5.17 -26.04
CA MET A 65 -10.90 -3.98 -25.33
C MET A 65 -9.46 -3.62 -25.68
N MET A 66 -9.26 -2.34 -25.97
CA MET A 66 -7.94 -1.79 -26.20
C MET A 66 -7.70 -0.82 -25.02
N ILE A 67 -6.63 -1.05 -24.25
CA ILE A 67 -6.46 -0.35 -22.98
C ILE A 67 -5.03 0.11 -22.70
N GLU A 68 -4.88 1.27 -22.06
CA GLU A 68 -3.55 1.77 -21.74
C GLU A 68 -2.96 0.90 -20.62
N ASP A 69 -1.64 0.93 -20.49
CA ASP A 69 -0.93 0.07 -19.54
C ASP A 69 -1.20 0.49 -18.10
N GLU A 70 -1.13 -0.45 -17.16
CA GLU A 70 -1.26 -0.09 -15.76
C GLU A 70 -0.28 1.00 -15.39
N THR A 71 0.98 0.86 -15.80
CA THR A 71 2.00 1.83 -15.40
C THR A 71 1.86 3.20 -16.04
N GLU A 72 1.15 3.29 -17.17
CA GLU A 72 0.95 4.58 -17.83
C GLU A 72 -0.28 5.33 -17.29
N ALA A 73 -1.19 4.62 -16.65
CA ALA A 73 -2.44 5.23 -16.22
C ALA A 73 -2.29 6.23 -15.08
N LYS A 74 -2.82 7.43 -15.30
CA LYS A 74 -2.90 8.46 -14.27
C LYS A 74 -3.78 7.94 -13.14
N GLN A 75 -4.93 7.38 -13.51
CA GLN A 75 -5.85 6.85 -12.51
C GLN A 75 -6.14 5.38 -12.73
N LEU A 76 -5.70 4.53 -11.81
CA LEU A 76 -5.92 3.09 -11.95
C LEU A 76 -7.38 2.71 -12.09
N PHE A 77 -8.27 3.45 -11.42
CA PHE A 77 -9.70 3.19 -11.54
C PHE A 77 -10.33 3.79 -12.81
N ALA A 78 -9.50 4.42 -13.62
CA ALA A 78 -9.96 5.01 -14.88
C ALA A 78 -8.89 4.86 -15.95
N ARG A 79 -8.58 3.62 -16.30
CA ARG A 79 -7.64 3.37 -17.38
C ARG A 79 -8.27 3.78 -18.71
N LYS A 80 -7.54 4.59 -19.47
CA LYS A 80 -7.99 5.03 -20.79
C LYS A 80 -8.21 3.81 -21.66
N ARG A 81 -9.39 3.71 -22.28
CA ARG A 81 -9.74 2.50 -23.02
C ARG A 81 -10.83 2.68 -24.06
N LEU A 82 -10.85 1.77 -25.02
CA LEU A 82 -11.89 1.66 -26.04
C LEU A 82 -12.44 0.24 -25.95
N THR A 83 -13.76 0.10 -25.91
CA THR A 83 -14.35 -1.23 -25.81
C THR A 83 -15.51 -1.38 -26.79
N PHE A 84 -15.63 -2.56 -27.37
CA PHE A 84 -16.72 -2.86 -28.30
C PHE A 84 -16.89 -4.36 -28.46
N ASP A 85 -18.10 -4.78 -28.83
CA ASP A 85 -18.37 -6.18 -29.10
C ASP A 85 -18.27 -6.38 -30.61
N ALA A 86 -18.02 -7.63 -31.03
CA ALA A 86 -17.79 -7.93 -32.43
C ALA A 86 -18.26 -9.33 -32.81
N VAL A 87 -18.29 -9.60 -34.12
CA VAL A 87 -18.59 -10.94 -34.63
C VAL A 87 -17.35 -11.49 -35.31
N ALA A 88 -16.93 -12.67 -34.89
CA ALA A 88 -15.69 -13.26 -35.39
C ALA A 88 -15.91 -14.14 -36.59
N SER A 89 -14.95 -14.12 -37.51
CA SER A 89 -14.99 -14.96 -38.68
C SER A 89 -13.57 -15.40 -38.98
N MET A 90 -13.39 -16.66 -39.37
CA MET A 90 -12.07 -17.14 -39.72
C MET A 90 -11.70 -16.78 -41.16
N VAL A 91 -10.46 -16.38 -41.36
CA VAL A 91 -10.00 -15.94 -42.69
C VAL A 91 -9.27 -17.08 -43.40
N GLU A 92 -9.75 -17.41 -44.60
CA GLU A 92 -9.22 -18.58 -45.31
C GLU A 92 -7.76 -18.42 -45.66
N ARG A 93 -6.97 -19.42 -45.32
CA ARG A 93 -5.53 -19.37 -45.54
C ARG A 93 -5.19 -19.09 -46.99
N ASP A 94 -4.29 -18.13 -47.20
CA ASP A 94 -3.79 -17.83 -48.53
C ASP A 94 -4.80 -17.13 -49.43
N SER A 95 -6.00 -16.87 -48.91
CA SER A 95 -6.96 -16.05 -49.64
C SER A 95 -6.40 -14.63 -49.75
N GLU A 96 -7.03 -13.81 -50.59
CA GLU A 96 -6.55 -12.45 -50.81
C GLU A 96 -6.57 -11.65 -49.51
N LEU A 97 -7.63 -11.77 -48.72
CA LEU A 97 -7.69 -11.11 -47.43
C LEU A 97 -6.57 -11.58 -46.50
N TRP A 98 -6.31 -12.89 -46.52
CA TRP A 98 -5.25 -13.46 -45.70
C TRP A 98 -3.91 -12.81 -46.01
N CYS A 99 -3.56 -12.79 -47.29
CA CYS A 99 -2.27 -12.25 -47.70
C CYS A 99 -2.13 -10.78 -47.32
N GLN A 100 -3.20 -10.00 -47.49
CA GLN A 100 -3.17 -8.58 -47.14
C GLN A 100 -2.92 -8.36 -45.65
N VAL A 101 -3.71 -9.04 -44.82
CA VAL A 101 -3.60 -8.88 -43.38
C VAL A 101 -2.27 -9.42 -42.86
N ILE A 102 -1.83 -10.57 -43.36
CA ILE A 102 -0.54 -11.10 -42.97
C ILE A 102 0.55 -10.06 -43.28
N ALA A 103 0.50 -9.52 -44.48
CA ALA A 103 1.42 -8.44 -44.86
C ALA A 103 1.38 -7.30 -43.85
N GLN A 104 0.19 -6.79 -43.57
CA GLN A 104 0.02 -5.70 -42.62
C GLN A 104 0.63 -6.05 -41.27
N MET A 105 0.34 -7.27 -40.81
CA MET A 105 0.85 -7.76 -39.53
C MET A 105 2.36 -7.84 -39.50
N GLY A 106 2.95 -8.32 -40.58
CA GLY A 106 4.40 -8.35 -40.71
C GLY A 106 4.96 -6.95 -40.60
N GLU A 107 4.35 -5.99 -41.29
CA GLU A 107 4.80 -4.61 -41.21
C GLU A 107 4.73 -4.06 -39.78
N ARG A 108 3.69 -4.40 -39.04
CA ARG A 108 3.53 -3.88 -37.69
C ARG A 108 4.36 -4.64 -36.67
N PHE A 109 4.51 -5.95 -36.84
CA PHE A 109 5.13 -6.78 -35.81
C PHE A 109 6.44 -7.44 -36.23
N GLY A 110 6.75 -7.39 -37.52
CA GLY A 110 8.05 -7.83 -38.00
C GLY A 110 8.21 -9.32 -38.26
N GLU A 111 9.46 -9.77 -38.26
CA GLU A 111 9.81 -11.14 -38.67
C GLU A 111 8.99 -12.23 -38.02
N ILE A 112 8.66 -12.04 -36.75
CA ILE A 112 7.94 -13.04 -35.98
C ILE A 112 6.75 -13.60 -36.78
N ILE A 113 6.12 -12.74 -37.56
CA ILE A 113 4.93 -13.11 -38.34
C ILE A 113 5.26 -14.13 -39.43
N ASP A 114 6.53 -14.23 -39.79
CA ASP A 114 6.96 -15.16 -40.83
C ASP A 114 6.72 -16.59 -40.34
N GLY A 115 7.29 -16.90 -39.17
CA GLY A 115 7.08 -18.20 -38.57
C GLY A 115 5.61 -18.46 -38.30
N LEU A 116 4.99 -17.59 -37.50
CA LEU A 116 3.62 -17.80 -37.06
C LEU A 116 2.68 -18.09 -38.24
N SER A 117 2.83 -17.34 -39.31
CA SER A 117 1.94 -17.48 -40.46
C SER A 117 2.16 -18.78 -41.22
N GLN A 118 3.17 -19.56 -40.80
CA GLN A 118 3.46 -20.84 -41.44
C GLN A 118 2.78 -21.98 -40.70
N LEU A 119 2.53 -21.76 -39.41
CA LEU A 119 2.04 -22.82 -38.54
C LEU A 119 0.56 -23.11 -38.75
N GLN A 120 0.20 -24.39 -38.76
CA GLN A 120 -1.18 -24.78 -39.05
C GLN A 120 -2.14 -24.47 -37.92
N ASP A 121 -1.70 -24.53 -36.66
CA ASP A 121 -2.62 -24.16 -35.58
C ASP A 121 -2.84 -22.64 -35.47
N PHE A 122 -2.08 -21.84 -36.20
CA PHE A 122 -2.33 -20.41 -36.17
C PHE A 122 -3.36 -19.98 -37.18
N MET A 123 -4.49 -19.50 -36.66
CA MET A 123 -5.64 -19.13 -37.46
C MET A 123 -5.79 -17.62 -37.48
N LEU A 124 -6.28 -17.09 -38.59
CA LEU A 124 -6.51 -15.64 -38.70
C LEU A 124 -7.99 -15.34 -38.58
N PHE A 125 -8.37 -14.57 -37.57
CA PHE A 125 -9.78 -14.21 -37.39
C PHE A 125 -10.02 -12.74 -37.71
N ARG A 126 -11.04 -12.49 -38.53
CA ARG A 126 -11.54 -11.13 -38.71
C ARG A 126 -12.62 -10.81 -37.67
N LEU A 127 -12.48 -9.66 -37.02
CA LEU A 127 -13.44 -9.26 -36.01
C LEU A 127 -14.11 -7.96 -36.42
N GLN A 128 -15.44 -7.99 -36.52
CA GLN A 128 -16.22 -6.85 -37.02
C GLN A 128 -17.21 -6.36 -35.96
N PRO A 129 -17.04 -5.09 -35.56
CA PRO A 129 -17.86 -4.42 -34.53
C PRO A 129 -19.32 -4.35 -34.93
N GLU A 130 -20.23 -4.42 -33.96
CA GLU A 130 -21.65 -4.43 -34.31
C GLU A 130 -22.59 -3.59 -33.44
N GLN A 131 -22.29 -3.47 -32.15
CA GLN A 131 -23.25 -2.84 -31.25
C GLN A 131 -22.75 -1.56 -30.59
N GLY A 132 -21.87 -0.84 -31.30
CA GLY A 132 -21.37 0.44 -30.83
C GLY A 132 -19.98 0.37 -30.22
N LEU A 133 -19.50 1.52 -29.79
CA LEU A 133 -18.16 1.69 -29.24
C LEU A 133 -18.24 2.52 -27.96
N PHE A 134 -17.51 2.11 -26.94
CA PHE A 134 -17.38 2.90 -25.73
C PHE A 134 -15.96 3.42 -25.61
N VAL A 135 -15.87 4.69 -25.25
CA VAL A 135 -14.60 5.40 -25.20
C VAL A 135 -14.47 6.04 -23.85
N LYS A 136 -13.37 5.77 -23.15
CA LYS A 136 -13.19 6.35 -21.83
C LYS A 136 -11.81 6.97 -21.67
N GLY A 137 -11.76 8.22 -21.20
CA GLY A 137 -10.51 8.89 -20.89
C GLY A 137 -9.89 9.73 -22.00
N PHE A 138 -10.67 10.03 -23.03
CA PHE A 138 -10.17 10.79 -24.18
C PHE A 138 -10.77 12.22 -24.22
N GLY A 139 -10.11 13.12 -24.94
CA GLY A 139 -10.61 14.47 -25.13
C GLY A 139 -10.86 15.20 -23.83
N LEU A 140 -12.11 15.61 -23.61
CA LEU A 140 -12.48 16.35 -22.40
C LEU A 140 -12.26 15.54 -21.13
N GLU A 141 -12.17 14.21 -21.27
CA GLU A 141 -11.97 13.32 -20.13
C GLU A 141 -10.49 13.12 -19.76
N HIS A 142 -9.60 13.61 -20.60
CA HIS A 142 -8.17 13.58 -20.32
C HIS A 142 -7.74 14.92 -19.70
N MET B 1 15.37 -15.63 -12.57
CA MET B 1 14.67 -15.69 -11.29
C MET B 1 13.92 -17.01 -11.18
N ARG B 2 13.88 -17.57 -9.98
CA ARG B 2 13.13 -18.79 -9.76
C ARG B 2 11.64 -18.54 -9.91
N LEU B 3 10.92 -19.61 -10.24
CA LEU B 3 9.49 -19.57 -10.51
C LEU B 3 8.68 -18.92 -9.40
N GLU B 4 8.83 -19.42 -8.18
CA GLU B 4 7.96 -18.98 -7.10
C GLU B 4 8.16 -17.52 -6.70
N PRO B 5 9.42 -17.08 -6.54
CA PRO B 5 9.60 -15.66 -6.25
C PRO B 5 9.15 -14.76 -7.41
N GLU B 6 9.32 -15.21 -8.65
CA GLU B 6 8.88 -14.41 -9.76
C GLU B 6 7.37 -14.25 -9.79
N ILE B 7 6.63 -15.28 -9.40
CA ILE B 7 5.18 -15.18 -9.29
C ILE B 7 4.79 -14.22 -8.16
N LYS B 8 5.47 -14.37 -7.03
CA LYS B 8 5.23 -13.51 -5.87
C LYS B 8 5.39 -12.05 -6.23
N GLU B 9 6.47 -11.75 -6.94
CA GLU B 9 6.75 -10.38 -7.36
C GLU B 9 5.67 -9.85 -8.29
N PHE B 10 5.20 -10.70 -9.19
CA PHE B 10 4.20 -10.30 -10.19
C PHE B 10 2.88 -9.93 -9.52
N ARG B 11 2.39 -10.79 -8.63
CA ARG B 11 1.09 -10.55 -7.98
C ARG B 11 1.10 -9.30 -7.09
N GLN B 12 2.29 -8.94 -6.62
CA GLN B 12 2.46 -7.79 -5.74
C GLN B 12 2.49 -6.52 -6.57
N GLU B 13 3.08 -6.62 -7.76
CA GLU B 13 3.29 -5.48 -8.61
C GLU B 13 2.08 -5.18 -9.50
N ARG B 14 1.38 -6.23 -9.92
CA ARG B 14 0.19 -6.08 -10.75
C ARG B 14 -1.01 -5.67 -9.90
N LYS B 15 -1.71 -4.62 -10.33
CA LYS B 15 -2.76 -4.02 -9.51
C LYS B 15 -4.18 -4.19 -10.04
N THR B 16 -4.31 -4.67 -11.29
CA THR B 16 -5.62 -4.94 -11.87
C THR B 16 -5.77 -6.33 -12.49
N LEU B 17 -7.03 -6.76 -12.59
CA LEU B 17 -7.39 -7.99 -13.25
C LEU B 17 -8.13 -7.66 -14.53
N GLN B 18 -7.87 -8.42 -15.58
CA GLN B 18 -8.67 -8.31 -16.79
C GLN B 18 -9.69 -9.43 -16.70
N LEU B 19 -10.95 -9.10 -16.98
CA LEU B 19 -12.08 -9.97 -16.71
C LEU B 19 -12.88 -10.26 -17.95
N ALA B 20 -13.28 -11.51 -18.11
CA ALA B 20 -14.25 -11.91 -19.10
C ALA B 20 -15.46 -12.44 -18.36
N THR B 21 -16.57 -11.74 -18.54
CA THR B 21 -17.85 -12.08 -17.90
C THR B 21 -18.90 -12.39 -18.99
N VAL B 22 -20.06 -12.87 -18.56
CA VAL B 22 -21.14 -13.24 -19.50
C VAL B 22 -22.48 -12.82 -18.92
N ASP B 23 -23.38 -12.34 -19.78
CA ASP B 23 -24.73 -12.05 -19.30
C ASP B 23 -25.58 -13.31 -19.30
N ALA B 24 -26.87 -13.15 -19.02
CA ALA B 24 -27.76 -14.29 -18.83
C ALA B 24 -27.90 -15.19 -20.06
N GLN B 25 -27.69 -14.64 -21.26
CA GLN B 25 -27.71 -15.46 -22.47
C GLN B 25 -26.30 -15.87 -22.92
N GLY B 26 -25.31 -15.66 -22.07
CA GLY B 26 -23.95 -16.09 -22.36
C GLY B 26 -23.21 -15.24 -23.38
N ARG B 27 -23.53 -13.95 -23.44
CA ARG B 27 -22.79 -13.04 -24.31
C ARG B 27 -21.64 -12.44 -23.53
N PRO B 28 -20.43 -12.49 -24.11
CA PRO B 28 -19.20 -12.09 -23.43
C PRO B 28 -19.08 -10.58 -23.23
N ASN B 29 -18.43 -10.20 -22.14
CA ASN B 29 -17.99 -8.83 -21.94
C ASN B 29 -16.55 -8.85 -21.44
N VAL B 30 -15.71 -7.95 -21.97
CA VAL B 30 -14.36 -7.79 -21.46
C VAL B 30 -14.21 -6.47 -20.70
N SER B 31 -13.51 -6.52 -19.58
CA SER B 31 -13.40 -5.37 -18.70
C SER B 31 -12.16 -5.54 -17.84
N TYR B 32 -11.94 -4.64 -16.90
CA TYR B 32 -10.83 -4.78 -15.95
C TYR B 32 -11.27 -4.21 -14.62
N ALA B 33 -10.54 -4.54 -13.56
CA ALA B 33 -10.79 -3.91 -12.27
C ALA B 33 -9.57 -4.06 -11.37
N PRO B 34 -9.23 -2.98 -10.64
CA PRO B 34 -8.27 -3.08 -9.53
C PRO B 34 -8.72 -4.19 -8.57
N PHE B 35 -7.78 -4.90 -7.98
CA PHE B 35 -8.13 -5.98 -7.06
C PHE B 35 -7.26 -5.95 -5.82
N VAL B 36 -7.72 -6.64 -4.79
CA VAL B 36 -6.83 -7.12 -3.74
C VAL B 36 -7.06 -8.61 -3.59
N GLN B 37 -6.07 -9.29 -3.00
CA GLN B 37 -6.20 -10.73 -2.77
C GLN B 37 -5.90 -10.99 -1.31
N ASN B 38 -6.62 -11.94 -0.74
CA ASN B 38 -6.30 -12.41 0.60
C ASN B 38 -6.78 -13.87 0.70
N GLN B 39 -6.77 -14.42 1.90
CA GLN B 39 -7.10 -15.84 2.07
C GLN B 39 -8.56 -16.17 1.75
N GLU B 40 -9.38 -15.14 1.54
CA GLU B 40 -10.78 -15.35 1.19
C GLU B 40 -11.02 -15.34 -0.32
N GLY B 41 -10.01 -14.95 -1.09
CA GLY B 41 -10.11 -14.92 -2.53
C GLY B 41 -9.63 -13.61 -3.12
N TYR B 42 -9.99 -13.36 -4.37
CA TYR B 42 -9.70 -12.11 -5.04
C TYR B 42 -10.91 -11.20 -4.95
N PHE B 43 -10.69 -9.90 -4.81
CA PHE B 43 -11.80 -8.97 -4.65
C PHE B 43 -11.73 -7.77 -5.57
N VAL B 44 -12.86 -7.46 -6.20
CA VAL B 44 -12.94 -6.27 -7.04
C VAL B 44 -14.15 -5.46 -6.59
N LEU B 45 -14.02 -4.13 -6.68
CA LEU B 45 -15.06 -3.20 -6.29
C LEU B 45 -15.52 -2.48 -7.55
N ILE B 46 -16.70 -2.82 -8.06
CA ILE B 46 -17.10 -2.37 -9.39
C ILE B 46 -18.54 -1.82 -9.41
N SER B 47 -18.85 -1.01 -10.42
CA SER B 47 -20.14 -0.32 -10.49
C SER B 47 -21.26 -1.16 -11.13
N HIS B 48 -22.39 -1.26 -10.46
CA HIS B 48 -23.57 -1.94 -11.02
C HIS B 48 -24.03 -1.29 -12.33
N ILE B 49 -23.63 -0.06 -12.56
CA ILE B 49 -23.96 0.58 -13.83
C ILE B 49 -23.26 -0.10 -15.00
N ALA B 50 -22.11 -0.68 -14.75
CA ALA B 50 -21.30 -1.28 -15.82
C ALA B 50 -21.72 -2.73 -16.06
N ARG B 51 -21.51 -3.19 -17.29
CA ARG B 51 -21.99 -4.51 -17.69
C ARG B 51 -21.36 -5.65 -16.87
N HIS B 52 -20.08 -5.54 -16.54
CA HIS B 52 -19.42 -6.65 -15.85
C HIS B 52 -20.02 -6.93 -14.47
N ALA B 53 -20.48 -5.88 -13.79
CA ALA B 53 -21.08 -6.05 -12.47
C ALA B 53 -22.45 -6.73 -12.57
N ARG B 54 -23.21 -6.39 -13.60
CA ARG B 54 -24.51 -6.99 -13.80
C ARG B 54 -24.37 -8.42 -14.32
N ASN B 55 -23.35 -8.66 -15.14
CA ASN B 55 -23.03 -10.02 -15.57
C ASN B 55 -22.66 -10.93 -14.39
N LEU B 56 -21.76 -10.47 -13.53
CA LEU B 56 -21.32 -11.28 -12.40
C LEU B 56 -22.46 -11.62 -11.45
N GLU B 57 -23.42 -10.69 -11.36
CA GLU B 57 -24.57 -10.88 -10.51
C GLU B 57 -25.50 -11.98 -11.02
N VAL B 58 -25.68 -12.05 -12.32
CA VAL B 58 -26.66 -12.97 -12.89
C VAL B 58 -26.04 -14.29 -13.36
N ASN B 59 -24.78 -14.22 -13.77
CA ASN B 59 -24.07 -15.37 -14.31
C ASN B 59 -22.68 -15.35 -13.73
N PRO B 60 -22.51 -15.93 -12.53
CA PRO B 60 -21.32 -15.69 -11.69
C PRO B 60 -20.07 -16.51 -12.06
N GLN B 61 -19.88 -16.83 -13.32
CA GLN B 61 -18.60 -17.38 -13.76
C GLN B 61 -17.75 -16.26 -14.39
N VAL B 62 -16.44 -16.36 -14.26
CA VAL B 62 -15.55 -15.33 -14.77
C VAL B 62 -14.19 -15.92 -15.10
N SER B 63 -13.58 -15.44 -16.18
CA SER B 63 -12.21 -15.79 -16.50
C SER B 63 -11.37 -14.56 -16.18
N ILE B 64 -10.29 -14.79 -15.42
CA ILE B 64 -9.49 -13.71 -14.87
C ILE B 64 -8.07 -13.78 -15.40
N MET B 65 -7.51 -12.62 -15.73
CA MET B 65 -6.12 -12.59 -16.17
C MET B 65 -5.36 -11.45 -15.53
N MET B 66 -4.18 -11.77 -15.02
CA MET B 66 -3.25 -10.76 -14.55
C MET B 66 -2.08 -10.72 -15.55
N ILE B 67 -1.86 -9.58 -16.20
CA ILE B 67 -0.94 -9.54 -17.34
C ILE B 67 0.04 -8.36 -17.31
N GLU B 68 1.29 -8.61 -17.71
CA GLU B 68 2.28 -7.53 -17.79
C GLU B 68 1.88 -6.49 -18.85
N ASP B 69 2.31 -5.25 -18.65
CA ASP B 69 2.01 -4.17 -19.59
C ASP B 69 2.64 -4.36 -20.98
N GLU B 70 1.98 -3.82 -22.01
CA GLU B 70 2.44 -3.87 -23.40
C GLU B 70 3.85 -3.28 -23.59
N THR B 71 4.05 -2.08 -23.04
CA THR B 71 5.29 -1.36 -23.30
C THR B 71 6.47 -2.04 -22.59
N GLU B 72 6.16 -2.87 -21.61
CA GLU B 72 7.22 -3.54 -20.85
C GLU B 72 7.55 -4.96 -21.33
N ALA B 73 6.63 -5.56 -22.09
CA ALA B 73 6.80 -6.92 -22.57
C ALA B 73 8.02 -7.04 -23.49
N LYS B 74 8.86 -8.05 -23.25
CA LYS B 74 9.98 -8.34 -24.14
C LYS B 74 9.45 -8.83 -25.47
N GLN B 75 8.46 -9.71 -25.41
CA GLN B 75 7.79 -10.17 -26.62
C GLN B 75 6.28 -9.99 -26.54
N LEU B 76 5.72 -9.23 -27.48
CA LEU B 76 4.29 -8.96 -27.51
C LEU B 76 3.44 -10.22 -27.70
N PHE B 77 3.99 -11.22 -28.38
CA PHE B 77 3.25 -12.47 -28.60
C PHE B 77 3.45 -13.46 -27.45
N ALA B 78 4.10 -13.01 -26.39
CA ALA B 78 4.26 -13.81 -25.18
C ALA B 78 4.31 -12.92 -23.98
N ARG B 79 3.21 -12.21 -23.72
CA ARG B 79 3.15 -11.37 -22.54
C ARG B 79 3.07 -12.25 -21.31
N LYS B 80 3.95 -11.98 -20.34
CA LYS B 80 3.92 -12.70 -19.07
C LYS B 80 2.56 -12.51 -18.39
N ARG B 81 2.02 -13.58 -17.82
CA ARG B 81 0.62 -13.51 -17.38
C ARG B 81 0.17 -14.71 -16.57
N LEU B 82 -0.81 -14.47 -15.70
CA LEU B 82 -1.47 -15.53 -14.93
C LEU B 82 -2.93 -15.57 -15.31
N THR B 83 -3.46 -16.74 -15.60
CA THR B 83 -4.88 -16.82 -15.92
C THR B 83 -5.59 -17.90 -15.13
N PHE B 84 -6.80 -17.61 -14.70
CA PHE B 84 -7.62 -18.62 -14.01
C PHE B 84 -9.10 -18.32 -14.13
N ASP B 85 -9.90 -19.38 -14.18
CA ASP B 85 -11.35 -19.25 -14.10
C ASP B 85 -11.74 -19.17 -12.64
N ALA B 86 -12.88 -18.54 -12.36
CA ALA B 86 -13.30 -18.38 -10.98
C ALA B 86 -14.82 -18.30 -10.88
N VAL B 87 -15.32 -18.50 -9.66
CA VAL B 87 -16.73 -18.29 -9.36
C VAL B 87 -16.88 -17.01 -8.54
N ALA B 88 -17.87 -16.19 -8.89
CA ALA B 88 -18.04 -14.90 -8.24
C ALA B 88 -19.22 -14.91 -7.30
N SER B 89 -19.13 -14.14 -6.23
CA SER B 89 -20.25 -13.96 -5.33
C SER B 89 -20.21 -12.54 -4.82
N MET B 90 -21.38 -11.97 -4.52
CA MET B 90 -21.46 -10.59 -4.05
C MET B 90 -21.24 -10.52 -2.55
N VAL B 91 -20.46 -9.54 -2.10
CA VAL B 91 -20.22 -9.38 -0.67
C VAL B 91 -21.19 -8.36 -0.09
N GLU B 92 -21.91 -8.77 0.96
CA GLU B 92 -22.93 -7.94 1.59
C GLU B 92 -22.32 -6.68 2.20
N ARG B 93 -22.79 -5.53 1.72
CA ARG B 93 -22.30 -4.24 2.18
C ARG B 93 -22.34 -4.13 3.70
N ASP B 94 -21.27 -3.57 4.27
CA ASP B 94 -21.16 -3.36 5.72
C ASP B 94 -21.11 -4.66 6.53
N SER B 95 -21.08 -5.80 5.83
CA SER B 95 -20.81 -7.06 6.50
C SER B 95 -19.36 -7.06 6.94
N GLU B 96 -18.97 -8.10 7.67
CA GLU B 96 -17.63 -8.20 8.22
C GLU B 96 -16.57 -8.29 7.12
N LEU B 97 -16.82 -9.16 6.14
CA LEU B 97 -15.88 -9.32 5.04
C LEU B 97 -15.79 -8.03 4.21
N TRP B 98 -16.92 -7.34 4.04
CA TRP B 98 -16.94 -6.06 3.33
C TRP B 98 -16.01 -5.04 3.98
N CYS B 99 -16.19 -4.84 5.27
CA CYS B 99 -15.34 -3.91 6.00
C CYS B 99 -13.88 -4.36 5.94
N GLN B 100 -13.64 -5.66 6.13
CA GLN B 100 -12.27 -6.17 6.04
C GLN B 100 -11.61 -5.85 4.70
N VAL B 101 -12.34 -6.08 3.61
CA VAL B 101 -11.79 -5.92 2.26
C VAL B 101 -11.67 -4.45 1.85
N ILE B 102 -12.64 -3.64 2.24
CA ILE B 102 -12.56 -2.21 1.95
C ILE B 102 -11.30 -1.61 2.60
N ALA B 103 -10.99 -2.04 3.81
CA ALA B 103 -9.78 -1.55 4.48
C ALA B 103 -8.53 -1.96 3.72
N GLN B 104 -8.53 -3.19 3.22
CA GLN B 104 -7.37 -3.68 2.50
C GLN B 104 -7.18 -2.87 1.23
N MET B 105 -8.28 -2.67 0.50
CA MET B 105 -8.29 -1.86 -0.74
C MET B 105 -7.81 -0.44 -0.54
N GLY B 106 -8.29 0.18 0.52
CA GLY B 106 -7.88 1.55 0.82
C GLY B 106 -6.39 1.55 1.01
N GLU B 107 -5.90 0.46 1.60
CA GLU B 107 -4.47 0.40 1.86
C GLU B 107 -3.70 0.27 0.55
N ARG B 108 -4.22 -0.50 -0.39
CA ARG B 108 -3.50 -0.67 -1.66
C ARG B 108 -3.66 0.52 -2.60
N PHE B 109 -4.85 1.13 -2.57
CA PHE B 109 -5.23 2.09 -3.61
C PHE B 109 -5.40 3.53 -3.11
N GLY B 110 -5.49 3.72 -1.80
CA GLY B 110 -5.53 5.06 -1.26
C GLY B 110 -6.93 5.61 -1.11
N GLU B 111 -7.03 6.93 -0.98
CA GLU B 111 -8.29 7.61 -0.64
C GLU B 111 -9.41 7.39 -1.63
N ILE B 112 -9.07 7.11 -2.90
CA ILE B 112 -10.11 6.88 -3.90
C ILE B 112 -11.13 5.91 -3.34
N ILE B 113 -10.65 4.96 -2.52
CA ILE B 113 -11.53 3.95 -1.94
C ILE B 113 -12.58 4.54 -0.98
N ASP B 114 -12.25 5.63 -0.31
CA ASP B 114 -13.18 6.24 0.63
C ASP B 114 -14.45 6.64 -0.11
N GLY B 115 -14.27 7.20 -1.30
CA GLY B 115 -15.41 7.64 -2.10
C GLY B 115 -16.18 6.50 -2.73
N LEU B 116 -15.49 5.60 -3.41
CA LEU B 116 -16.17 4.51 -4.11
C LEU B 116 -16.97 3.64 -3.14
N SER B 117 -16.40 3.38 -1.97
CA SER B 117 -17.01 2.49 -1.01
C SER B 117 -18.33 3.06 -0.49
N GLN B 118 -18.58 4.34 -0.79
CA GLN B 118 -19.78 5.02 -0.33
C GLN B 118 -20.82 5.23 -1.42
N LEU B 119 -20.44 5.02 -2.68
CA LEU B 119 -21.40 5.10 -3.78
C LEU B 119 -22.27 3.85 -3.78
N GLN B 120 -23.58 4.02 -3.93
CA GLN B 120 -24.43 2.82 -3.84
C GLN B 120 -24.36 1.95 -5.09
N ASP B 121 -23.89 2.49 -6.22
CA ASP B 121 -23.73 1.64 -7.40
C ASP B 121 -22.50 0.73 -7.32
N PHE B 122 -21.58 1.03 -6.42
CA PHE B 122 -20.37 0.20 -6.33
C PHE B 122 -20.54 -1.03 -5.45
N MET B 123 -20.26 -2.19 -6.03
CA MET B 123 -20.45 -3.46 -5.36
C MET B 123 -19.12 -4.23 -5.23
N LEU B 124 -19.05 -5.02 -4.18
CA LEU B 124 -17.87 -5.81 -3.90
C LEU B 124 -18.15 -7.26 -4.26
N PHE B 125 -17.30 -7.82 -5.13
CA PHE B 125 -17.45 -9.20 -5.53
C PHE B 125 -16.23 -10.02 -5.08
N ARG B 126 -16.50 -11.20 -4.55
CA ARG B 126 -15.46 -12.17 -4.23
C ARG B 126 -15.28 -13.17 -5.36
N LEU B 127 -14.05 -13.32 -5.82
CA LEU B 127 -13.78 -14.23 -6.93
C LEU B 127 -12.89 -15.37 -6.45
N GLN B 128 -13.37 -16.60 -6.56
CA GLN B 128 -12.65 -17.75 -6.01
C GLN B 128 -12.30 -18.75 -7.09
N PRO B 129 -11.01 -19.12 -7.17
CA PRO B 129 -10.50 -20.04 -8.21
C PRO B 129 -10.98 -21.46 -8.01
N GLU B 130 -11.39 -22.10 -9.10
CA GLU B 130 -12.08 -23.39 -9.05
C GLU B 130 -11.41 -24.46 -9.93
N GLN B 131 -10.56 -24.04 -10.86
CA GLN B 131 -10.06 -24.93 -11.88
C GLN B 131 -8.57 -24.69 -12.18
N GLY B 132 -7.80 -24.43 -11.13
CA GLY B 132 -6.38 -24.24 -11.29
C GLY B 132 -6.01 -22.94 -11.98
N LEU B 133 -4.72 -22.84 -12.28
CA LEU B 133 -4.12 -21.59 -12.65
C LEU B 133 -3.16 -21.85 -13.79
N PHE B 134 -3.17 -20.99 -14.80
CA PHE B 134 -2.21 -21.09 -15.90
C PHE B 134 -1.15 -19.99 -15.76
N VAL B 135 0.12 -20.40 -15.81
CA VAL B 135 1.24 -19.51 -15.56
C VAL B 135 2.11 -19.46 -16.80
N LYS B 136 2.30 -18.26 -17.37
CA LYS B 136 2.95 -18.14 -18.66
C LYS B 136 4.05 -17.06 -18.63
N GLY B 137 5.30 -17.46 -18.86
CA GLY B 137 6.40 -16.50 -18.90
C GLY B 137 7.29 -16.40 -17.67
N PHE B 138 7.21 -17.38 -16.76
CA PHE B 138 7.91 -17.31 -15.47
C PHE B 138 9.01 -18.39 -15.28
N GLY B 139 9.91 -18.14 -14.33
CA GLY B 139 10.93 -19.10 -13.97
C GLY B 139 11.74 -19.54 -15.17
N LEU B 140 11.89 -20.85 -15.34
CA LEU B 140 12.67 -21.41 -16.46
C LEU B 140 12.20 -20.91 -17.82
N GLU B 141 10.96 -20.43 -17.90
CA GLU B 141 10.36 -19.95 -19.15
C GLU B 141 10.73 -18.52 -19.47
N HIS B 142 11.27 -17.80 -18.49
CA HIS B 142 11.55 -16.38 -18.65
C HIS B 142 12.71 -16.14 -19.62
N MET C 1 29.71 1.96 8.34
CA MET C 1 31.05 2.22 8.87
C MET C 1 31.26 1.45 10.18
N ARG C 2 32.31 1.80 10.92
CA ARG C 2 32.55 1.11 12.19
C ARG C 2 31.54 1.58 13.25
N LEU C 3 31.29 0.71 14.22
CA LEU C 3 30.27 0.93 15.23
C LEU C 3 30.43 2.24 16.01
N GLU C 4 31.60 2.43 16.60
CA GLU C 4 31.82 3.58 17.47
C GLU C 4 31.64 4.94 16.77
N PRO C 5 32.31 5.12 15.62
CA PRO C 5 32.16 6.39 14.87
C PRO C 5 30.74 6.56 14.34
N GLU C 6 30.07 5.48 13.99
CA GLU C 6 28.71 5.60 13.52
C GLU C 6 27.77 6.08 14.62
N ILE C 7 27.97 5.58 15.83
CA ILE C 7 27.20 6.05 16.98
C ILE C 7 27.46 7.52 17.25
N LYS C 8 28.75 7.89 17.21
CA LYS C 8 29.12 9.28 17.40
C LYS C 8 28.38 10.18 16.41
N GLU C 9 28.46 9.85 15.13
CA GLU C 9 27.83 10.67 14.10
C GLU C 9 26.32 10.81 14.30
N PHE C 10 25.68 9.75 14.77
CA PHE C 10 24.24 9.71 15.00
C PHE C 10 23.86 10.63 16.15
N ARG C 11 24.59 10.55 17.25
CA ARG C 11 24.31 11.37 18.42
C ARG C 11 24.47 12.86 18.11
N GLN C 12 25.41 13.18 17.23
CA GLN C 12 25.67 14.58 16.88
C GLN C 12 24.66 15.10 15.86
N GLU C 13 24.17 14.22 15.01
CA GLU C 13 23.21 14.60 13.97
C GLU C 13 21.78 14.70 14.52
N ARG C 14 21.38 13.72 15.33
CA ARG C 14 20.02 13.69 15.86
C ARG C 14 19.84 14.85 16.84
N LYS C 15 18.74 15.58 16.70
CA LYS C 15 18.50 16.78 17.52
C LYS C 15 17.40 16.63 18.56
N THR C 16 16.57 15.60 18.45
CA THR C 16 15.51 15.38 19.43
C THR C 16 15.53 14.00 20.08
N LEU C 17 14.93 13.94 21.26
CA LEU C 17 14.69 12.68 21.97
C LEU C 17 13.21 12.37 21.97
N GLN C 18 12.89 11.10 21.81
CA GLN C 18 11.53 10.62 22.09
C GLN C 18 11.51 10.14 23.53
N LEU C 19 10.48 10.54 24.26
CA LEU C 19 10.41 10.31 25.70
C LEU C 19 9.16 9.56 26.16
N ALA C 20 9.35 8.52 26.98
CA ALA C 20 8.22 7.92 27.68
C ALA C 20 8.28 8.32 29.15
N THR C 21 7.27 9.05 29.62
CA THR C 21 7.20 9.46 31.02
C THR C 21 5.97 8.85 31.68
N VAL C 22 5.86 9.02 32.99
CA VAL C 22 4.75 8.46 33.76
C VAL C 22 4.29 9.46 34.82
N ASP C 23 2.98 9.52 35.08
CA ASP C 23 2.52 10.39 36.14
C ASP C 23 2.60 9.64 37.48
N ALA C 24 2.20 10.30 38.55
CA ALA C 24 2.29 9.75 39.90
C ALA C 24 1.71 8.35 40.04
N GLN C 25 0.70 8.03 39.23
CA GLN C 25 0.15 6.67 39.29
C GLN C 25 0.57 5.78 38.13
N GLY C 26 1.62 6.18 37.43
CA GLY C 26 2.19 5.33 36.39
C GLY C 26 1.40 5.26 35.10
N ARG C 27 0.61 6.28 34.80
CA ARG C 27 0.00 6.39 33.48
C ARG C 27 1.08 6.91 32.52
N PRO C 28 1.24 6.23 31.38
CA PRO C 28 2.30 6.60 30.44
C PRO C 28 1.97 7.81 29.55
N ASN C 29 3.00 8.55 29.16
CA ASN C 29 2.85 9.59 28.16
C ASN C 29 4.05 9.48 27.24
N VAL C 30 3.81 9.61 25.93
CA VAL C 30 4.90 9.73 24.96
C VAL C 30 4.95 11.17 24.43
N SER C 31 6.15 11.68 24.22
CA SER C 31 6.36 13.07 23.80
C SER C 31 7.73 13.14 23.17
N TYR C 32 8.18 14.32 22.76
CA TYR C 32 9.56 14.47 22.29
C TYR C 32 10.11 15.79 22.82
N ALA C 33 11.44 15.94 22.77
CA ALA C 33 12.08 17.19 23.15
C ALA C 33 13.44 17.34 22.46
N PRO C 34 13.68 18.49 21.82
CA PRO C 34 15.04 18.80 21.39
C PRO C 34 15.98 18.66 22.58
N PHE C 35 17.23 18.26 22.36
CA PHE C 35 18.14 18.01 23.48
C PHE C 35 19.54 18.48 23.20
N VAL C 36 20.33 18.65 24.27
CA VAL C 36 21.78 18.65 24.16
C VAL C 36 22.32 17.60 25.13
N GLN C 37 23.52 17.09 24.87
CA GLN C 37 24.14 16.15 25.82
C GLN C 37 25.57 16.55 26.14
N ASN C 38 25.99 16.29 27.37
CA ASN C 38 27.35 16.57 27.80
C ASN C 38 27.76 15.65 28.93
N GLN C 39 28.85 15.98 29.61
CA GLN C 39 29.42 15.07 30.60
C GLN C 39 28.49 14.89 31.79
N GLU C 40 27.53 15.80 31.93
CA GLU C 40 26.60 15.80 33.05
C GLU C 40 25.28 15.07 32.76
N GLY C 41 24.99 14.83 31.48
CA GLY C 41 23.81 14.07 31.10
C GLY C 41 23.15 14.55 29.82
N TYR C 42 21.92 14.12 29.59
CA TYR C 42 21.09 14.67 28.52
C TYR C 42 20.17 15.75 29.10
N PHE C 43 19.96 16.82 28.35
CA PHE C 43 19.16 17.92 28.86
C PHE C 43 18.05 18.28 27.90
N VAL C 44 16.86 18.54 28.45
CA VAL C 44 15.73 19.03 27.66
C VAL C 44 15.06 20.20 28.36
N LEU C 45 14.59 21.15 27.56
CA LEU C 45 13.95 22.36 28.07
C LEU C 45 12.50 22.32 27.64
N ILE C 46 11.61 21.99 28.56
CA ILE C 46 10.24 21.68 28.21
C ILE C 46 9.22 22.42 29.09
N SER C 47 7.97 22.44 28.65
CA SER C 47 6.94 23.26 29.27
C SER C 47 6.13 22.58 30.37
N HIS C 48 6.01 23.27 31.51
CA HIS C 48 5.22 22.77 32.62
C HIS C 48 3.76 22.62 32.25
N ILE C 49 3.32 23.33 31.20
CA ILE C 49 1.96 23.14 30.70
C ILE C 49 1.79 21.74 30.07
N ALA C 50 2.91 21.16 29.63
CA ALA C 50 2.87 19.86 28.98
C ALA C 50 2.96 18.73 30.00
N ARG C 51 2.33 17.61 29.68
CA ARG C 51 2.27 16.47 30.57
C ARG C 51 3.66 15.91 30.89
N HIS C 52 4.58 15.93 29.93
CA HIS C 52 5.88 15.28 30.18
C HIS C 52 6.67 16.02 31.26
N ALA C 53 6.55 17.34 31.30
CA ALA C 53 7.22 18.12 32.34
C ALA C 53 6.63 17.87 33.72
N ARG C 54 5.30 17.90 33.81
CA ARG C 54 4.64 17.59 35.06
C ARG C 54 4.94 16.16 35.51
N ASN C 55 5.04 15.24 34.55
CA ASN C 55 5.40 13.85 34.89
C ASN C 55 6.80 13.73 35.49
N LEU C 56 7.78 14.30 34.81
CA LEU C 56 9.16 14.22 35.28
C LEU C 56 9.37 14.85 36.66
N GLU C 57 8.58 15.87 37.02
CA GLU C 57 8.77 16.46 38.34
C GLU C 57 8.15 15.63 39.47
N VAL C 58 7.13 14.83 39.17
CA VAL C 58 6.47 14.02 40.19
C VAL C 58 6.99 12.59 40.23
N ASN C 59 7.52 12.12 39.10
CA ASN C 59 7.92 10.73 38.94
C ASN C 59 9.12 10.68 38.01
N PRO C 60 10.33 10.77 38.59
CA PRO C 60 11.56 11.13 37.89
C PRO C 60 12.19 10.02 37.08
N GLN C 61 11.37 9.17 36.45
CA GLN C 61 11.93 8.14 35.58
C GLN C 61 11.46 8.38 34.16
N VAL C 62 12.31 8.03 33.20
CA VAL C 62 12.03 8.28 31.79
C VAL C 62 12.68 7.19 30.97
N SER C 63 12.02 6.82 29.87
CA SER C 63 12.63 5.97 28.87
C SER C 63 12.89 6.86 27.67
N ILE C 64 14.11 6.78 27.12
CA ILE C 64 14.58 7.74 26.12
C ILE C 64 14.98 7.03 24.83
N MET C 65 14.55 7.55 23.70
CA MET C 65 14.92 6.98 22.42
C MET C 65 15.35 8.06 21.45
N MET C 66 16.44 7.78 20.76
CA MET C 66 16.94 8.65 19.71
C MET C 66 16.85 7.81 18.43
N ILE C 67 16.14 8.31 17.41
CA ILE C 67 15.75 7.47 16.29
C ILE C 67 15.80 8.19 14.94
N GLU C 68 16.19 7.46 13.90
CA GLU C 68 16.25 8.06 12.57
C GLU C 68 14.84 8.25 12.06
N ASP C 69 14.66 9.20 11.16
CA ASP C 69 13.36 9.53 10.60
C ASP C 69 12.77 8.38 9.81
N GLU C 70 11.44 8.30 9.77
CA GLU C 70 10.79 7.24 8.98
C GLU C 70 11.26 7.35 7.54
N THR C 71 11.39 8.58 7.07
CA THR C 71 11.71 8.83 5.67
C THR C 71 13.16 8.41 5.35
N GLU C 72 14.06 8.57 6.32
CA GLU C 72 15.47 8.19 6.16
C GLU C 72 15.68 6.68 6.18
N ALA C 73 14.70 5.95 6.71
CA ALA C 73 14.89 4.55 7.07
C ALA C 73 14.90 3.56 5.90
N LYS C 74 15.96 2.77 5.81
CA LYS C 74 16.01 1.69 4.84
C LYS C 74 14.91 0.68 5.14
N GLN C 75 14.80 0.26 6.40
CA GLN C 75 13.80 -0.73 6.78
C GLN C 75 12.87 -0.21 7.87
N LEU C 76 11.60 0.02 7.55
CA LEU C 76 10.68 0.58 8.54
C LEU C 76 10.61 -0.27 9.81
N PHE C 77 10.72 -1.59 9.66
CA PHE C 77 10.67 -2.44 10.84
C PHE C 77 12.01 -2.51 11.57
N ALA C 78 12.99 -1.75 11.10
CA ALA C 78 14.29 -1.67 11.76
C ALA C 78 14.88 -0.28 11.67
N ARG C 79 14.23 0.70 12.31
CA ARG C 79 14.74 2.06 12.33
C ARG C 79 15.99 2.12 13.21
N LYS C 80 17.05 2.70 12.68
CA LYS C 80 18.29 2.86 13.43
C LYS C 80 17.98 3.68 14.67
N ARG C 81 18.39 3.20 15.84
CA ARG C 81 18.03 3.89 17.06
C ARG C 81 18.92 3.56 18.24
N LEU C 82 18.93 4.45 19.23
CA LEU C 82 19.55 4.23 20.53
C LEU C 82 18.47 4.39 21.58
N THR C 83 18.40 3.47 22.54
CA THR C 83 17.42 3.57 23.61
C THR C 83 18.05 3.29 24.98
N PHE C 84 17.65 4.08 25.97
CA PHE C 84 18.12 3.91 27.34
C PHE C 84 17.15 4.53 28.33
N ASP C 85 17.11 4.00 29.54
CA ASP C 85 16.32 4.56 30.63
C ASP C 85 17.17 5.53 31.41
N ALA C 86 16.53 6.45 32.12
CA ALA C 86 17.24 7.49 32.87
C ALA C 86 16.46 7.96 34.10
N VAL C 87 17.14 8.71 34.96
CA VAL C 87 16.53 9.34 36.12
C VAL C 87 16.57 10.84 35.88
N ALA C 88 15.45 11.51 36.12
CA ALA C 88 15.31 12.93 35.77
C ALA C 88 15.48 13.83 36.99
N SER C 89 16.06 14.99 36.78
CA SER C 89 16.28 15.99 37.82
C SER C 89 16.01 17.36 37.24
N MET C 90 15.34 18.24 37.98
CA MET C 90 15.16 19.60 37.50
C MET C 90 16.39 20.44 37.80
N VAL C 91 16.76 21.29 36.85
CA VAL C 91 17.96 22.10 37.01
C VAL C 91 17.59 23.48 37.52
N GLU C 92 18.14 23.82 38.69
CA GLU C 92 17.85 25.06 39.38
C GLU C 92 18.14 26.24 38.46
N ARG C 93 17.12 27.06 38.21
CA ARG C 93 17.26 28.19 37.31
C ARG C 93 18.41 29.10 37.72
N ASP C 94 19.19 29.55 36.75
CA ASP C 94 20.24 30.53 37.00
C ASP C 94 21.48 29.90 37.62
N SER C 95 21.37 28.64 38.02
CA SER C 95 22.50 27.95 38.62
C SER C 95 23.65 27.82 37.62
N GLU C 96 24.81 27.39 38.12
CA GLU C 96 25.97 27.14 37.29
C GLU C 96 25.64 26.18 36.13
N LEU C 97 25.02 25.05 36.45
CA LEU C 97 24.63 24.09 35.42
C LEU C 97 23.62 24.69 34.46
N TRP C 98 22.63 25.41 34.99
CA TRP C 98 21.60 26.01 34.18
C TRP C 98 22.20 26.88 33.08
N CYS C 99 23.11 27.75 33.47
CA CYS C 99 23.68 28.70 32.52
C CYS C 99 24.48 28.01 31.43
N GLN C 100 25.25 26.99 31.79
CA GLN C 100 26.06 26.30 30.81
C GLN C 100 25.19 25.54 29.79
N VAL C 101 24.19 24.82 30.29
CA VAL C 101 23.35 24.01 29.40
C VAL C 101 22.55 24.91 28.47
N ILE C 102 22.00 25.99 29.01
CA ILE C 102 21.26 26.94 28.19
C ILE C 102 22.16 27.46 27.07
N ALA C 103 23.40 27.75 27.42
CA ALA C 103 24.38 28.20 26.43
C ALA C 103 24.53 27.17 25.31
N GLN C 104 24.81 25.93 25.71
CA GLN C 104 24.94 24.83 24.76
C GLN C 104 23.73 24.77 23.84
N MET C 105 22.53 24.87 24.42
CA MET C 105 21.28 24.87 23.66
C MET C 105 21.18 25.96 22.60
N GLY C 106 21.48 27.19 22.99
CA GLY C 106 21.45 28.29 22.05
C GLY C 106 22.39 27.99 20.90
N GLU C 107 23.54 27.41 21.23
CA GLU C 107 24.53 27.07 20.23
C GLU C 107 24.00 26.03 19.23
N ARG C 108 23.26 25.04 19.74
CA ARG C 108 22.73 23.99 18.88
C ARG C 108 21.46 24.41 18.15
N PHE C 109 20.63 25.22 18.81
CA PHE C 109 19.29 25.50 18.27
C PHE C 109 19.02 26.96 17.89
N GLY C 110 19.84 27.88 18.38
CA GLY C 110 19.73 29.28 17.98
C GLY C 110 18.85 30.18 18.83
N GLU C 111 18.43 31.30 18.24
CA GLU C 111 17.69 32.36 18.94
C GLU C 111 16.49 31.88 19.76
N ILE C 112 15.79 30.89 19.24
CA ILE C 112 14.56 30.42 19.90
C ILE C 112 14.80 30.20 21.38
N ILE C 113 16.00 29.74 21.73
CA ILE C 113 16.34 29.42 23.10
C ILE C 113 16.31 30.65 24.00
N ASP C 114 16.49 31.83 23.41
CA ASP C 114 16.48 33.05 24.21
C ASP C 114 15.09 33.30 24.74
N GLY C 115 14.11 33.17 23.86
CA GLY C 115 12.71 33.28 24.26
C GLY C 115 12.35 32.24 25.31
N LEU C 116 12.56 30.97 24.97
CA LEU C 116 12.14 29.88 25.84
C LEU C 116 12.81 29.94 27.21
N SER C 117 14.08 30.35 27.23
CA SER C 117 14.85 30.30 28.48
C SER C 117 14.43 31.35 29.50
N GLN C 118 13.53 32.25 29.12
CA GLN C 118 12.94 33.16 30.11
C GLN C 118 11.43 33.12 30.13
N LEU C 119 10.87 31.95 29.84
CA LEU C 119 9.47 31.71 30.05
C LEU C 119 9.32 30.91 31.33
N GLN C 120 8.34 31.28 32.14
CA GLN C 120 8.19 30.69 33.46
C GLN C 120 8.01 29.19 33.38
N ASP C 121 7.03 28.73 32.62
CA ASP C 121 6.73 27.30 32.61
C ASP C 121 7.77 26.42 31.88
N PHE C 122 8.81 27.02 31.31
CA PHE C 122 9.87 26.21 30.72
C PHE C 122 10.92 25.79 31.73
N MET C 123 10.99 24.48 31.97
CA MET C 123 11.90 23.91 32.94
C MET C 123 13.02 23.11 32.27
N LEU C 124 14.21 23.18 32.86
CA LEU C 124 15.36 22.44 32.36
C LEU C 124 15.53 21.16 33.17
N PHE C 125 15.49 20.02 32.50
CA PHE C 125 15.63 18.73 33.17
C PHE C 125 16.92 18.02 32.78
N ARG C 126 17.63 17.51 33.77
CA ARG C 126 18.79 16.67 33.53
C ARG C 126 18.39 15.22 33.53
N LEU C 127 18.75 14.51 32.47
CA LEU C 127 18.46 13.09 32.39
C LEU C 127 19.76 12.31 32.39
N GLN C 128 19.93 11.42 33.37
CA GLN C 128 21.12 10.58 33.42
C GLN C 128 20.78 9.10 33.34
N PRO C 129 21.43 8.40 32.41
CA PRO C 129 21.28 6.97 32.15
C PRO C 129 21.54 6.10 33.37
N GLU C 130 20.87 4.95 33.43
CA GLU C 130 20.84 4.14 34.64
C GLU C 130 21.17 2.66 34.40
N GLN C 131 20.57 2.09 33.37
CA GLN C 131 20.55 0.64 33.23
C GLN C 131 20.97 0.16 31.85
N GLY C 132 21.96 0.82 31.25
CA GLY C 132 22.49 0.38 29.98
C GLY C 132 21.92 1.09 28.77
N LEU C 133 22.43 0.71 27.61
CA LEU C 133 22.11 1.35 26.35
C LEU C 133 21.85 0.23 25.35
N PHE C 134 20.79 0.38 24.56
CA PHE C 134 20.51 -0.52 23.46
C PHE C 134 20.73 0.22 22.16
N VAL C 135 21.44 -0.43 21.26
CA VAL C 135 21.87 0.16 20.02
C VAL C 135 21.40 -0.75 18.89
N LYS C 136 20.76 -0.15 17.89
CA LYS C 136 20.18 -0.94 16.82
C LYS C 136 20.44 -0.29 15.46
N GLY C 137 21.04 -1.04 14.54
CA GLY C 137 21.24 -0.58 13.18
C GLY C 137 22.57 0.09 12.87
N PHE C 138 23.55 -0.06 13.76
CA PHE C 138 24.88 0.52 13.58
C PHE C 138 25.93 -0.55 13.24
N GLY C 139 27.05 -0.11 12.67
CA GLY C 139 28.19 -0.98 12.45
C GLY C 139 27.84 -2.17 11.58
N LEU C 140 28.10 -3.36 12.11
CA LEU C 140 27.83 -4.61 11.40
C LEU C 140 26.36 -4.73 11.03
N GLU C 141 25.51 -4.06 11.79
CA GLU C 141 24.07 -4.09 11.55
C GLU C 141 23.64 -3.08 10.48
N HIS C 142 24.57 -2.27 10.02
CA HIS C 142 24.25 -1.32 8.97
C HIS C 142 24.73 -1.86 7.61
N MET D 1 -3.79 24.58 4.14
CA MET D 1 -4.61 23.39 4.00
C MET D 1 -5.64 23.36 5.13
N ARG D 2 -6.88 22.97 4.80
CA ARG D 2 -7.89 22.86 5.84
C ARG D 2 -7.47 21.77 6.82
N LEU D 3 -7.85 21.96 8.07
CA LEU D 3 -7.59 21.02 9.15
C LEU D 3 -7.80 19.56 8.75
N GLU D 4 -8.99 19.25 8.28
CA GLU D 4 -9.37 17.86 8.07
C GLU D 4 -8.60 17.15 6.96
N PRO D 5 -8.45 17.80 5.80
CA PRO D 5 -7.61 17.22 4.74
C PRO D 5 -6.19 17.04 5.23
N GLU D 6 -5.69 18.03 5.98
CA GLU D 6 -4.31 17.95 6.45
C GLU D 6 -4.10 16.78 7.38
N ILE D 7 -5.10 16.48 8.21
CA ILE D 7 -5.02 15.34 9.12
C ILE D 7 -5.05 14.04 8.34
N LYS D 8 -5.95 13.98 7.37
CA LYS D 8 -6.06 12.84 6.47
C LYS D 8 -4.74 12.52 5.77
N GLU D 9 -4.11 13.54 5.19
CA GLU D 9 -2.85 13.35 4.50
C GLU D 9 -1.81 12.79 5.45
N PHE D 10 -1.78 13.32 6.67
CA PHE D 10 -0.77 12.95 7.66
C PHE D 10 -0.92 11.51 8.13
N ARG D 11 -2.15 11.07 8.37
CA ARG D 11 -2.39 9.69 8.81
C ARG D 11 -2.07 8.64 7.73
N GLN D 12 -2.11 9.08 6.47
CA GLN D 12 -1.81 8.18 5.36
C GLN D 12 -0.32 8.10 5.10
N GLU D 13 0.36 9.21 5.30
CA GLU D 13 1.78 9.30 5.01
C GLU D 13 2.63 8.77 6.15
N ARG D 14 2.18 8.94 7.39
CA ARG D 14 2.93 8.43 8.54
C ARG D 14 2.68 6.93 8.70
N LYS D 15 3.76 6.15 8.78
CA LYS D 15 3.68 4.68 8.78
C LYS D 15 3.99 4.07 10.14
N THR D 16 4.45 4.89 11.07
CA THR D 16 4.88 4.42 12.38
C THR D 16 4.23 5.17 13.54
N LEU D 17 3.99 4.45 14.64
CA LEU D 17 3.60 5.04 15.92
C LEU D 17 4.75 5.02 16.92
N GLN D 18 4.92 6.11 17.67
CA GLN D 18 5.81 6.10 18.82
C GLN D 18 4.97 5.80 20.05
N LEU D 19 5.49 4.91 20.90
CA LEU D 19 4.71 4.31 21.97
C LEU D 19 5.42 4.49 23.31
N ALA D 20 4.65 4.88 24.32
CA ALA D 20 5.09 4.86 25.70
C ALA D 20 4.25 3.82 26.42
N THR D 21 4.93 2.81 26.95
CA THR D 21 4.27 1.70 27.66
C THR D 21 4.84 1.65 29.08
N VAL D 22 4.30 0.76 29.91
CA VAL D 22 4.73 0.68 31.31
C VAL D 22 4.73 -0.79 31.73
N ASP D 23 5.71 -1.18 32.55
CA ASP D 23 5.67 -2.54 33.09
C ASP D 23 4.69 -2.63 34.26
N ALA D 24 4.68 -3.78 34.93
CA ALA D 24 3.71 -4.04 35.99
C ALA D 24 3.98 -3.16 37.20
N GLN D 25 5.19 -2.63 37.29
CA GLN D 25 5.51 -1.71 38.38
C GLN D 25 5.44 -0.23 37.95
N GLY D 26 4.92 0.03 36.75
CA GLY D 26 4.77 1.41 36.29
C GLY D 26 6.05 2.07 35.83
N ARG D 27 7.03 1.26 35.43
CA ARG D 27 8.26 1.77 34.85
C ARG D 27 8.06 1.99 33.36
N PRO D 28 8.43 3.18 32.87
CA PRO D 28 8.17 3.53 31.48
C PRO D 28 9.16 2.94 30.47
N ASN D 29 8.67 2.74 29.26
CA ASN D 29 9.46 2.33 28.11
C ASN D 29 9.02 3.10 26.87
N VAL D 30 9.98 3.63 26.10
CA VAL D 30 9.64 4.27 24.83
C VAL D 30 10.03 3.35 23.67
N SER D 31 9.20 3.31 22.62
CA SER D 31 9.49 2.45 21.48
C SER D 31 8.73 2.97 20.27
N TYR D 32 8.74 2.20 19.19
CA TYR D 32 7.95 2.56 18.01
C TYR D 32 7.48 1.28 17.34
N ALA D 33 6.47 1.40 16.49
CA ALA D 33 6.09 0.28 15.65
C ALA D 33 5.31 0.75 14.43
N PRO D 34 5.57 0.15 13.26
CA PRO D 34 4.71 0.32 12.09
C PRO D 34 3.26 -0.03 12.45
N PHE D 35 2.29 0.65 11.85
CA PHE D 35 0.90 0.40 12.21
C PHE D 35 0.01 0.37 10.99
N VAL D 36 -1.18 -0.21 11.18
CA VAL D 36 -2.30 0.05 10.28
C VAL D 36 -3.47 0.47 11.14
N GLN D 37 -4.42 1.15 10.50
CA GLN D 37 -5.62 1.60 11.20
C GLN D 37 -6.85 1.20 10.40
N ASN D 38 -7.90 0.84 11.11
CA ASN D 38 -9.17 0.58 10.47
C ASN D 38 -10.26 0.78 11.50
N GLN D 39 -11.49 0.42 11.15
CA GLN D 39 -12.62 0.70 12.03
C GLN D 39 -12.54 -0.01 13.37
N GLU D 40 -11.69 -1.01 13.48
CA GLU D 40 -11.52 -1.73 14.75
C GLU D 40 -10.47 -1.10 15.68
N GLY D 41 -9.75 -0.09 15.20
CA GLY D 41 -8.68 0.51 15.98
C GLY D 41 -7.34 0.57 15.28
N TYR D 42 -6.29 0.90 16.04
CA TYR D 42 -4.93 0.89 15.56
C TYR D 42 -4.26 -0.44 15.88
N PHE D 43 -3.46 -0.95 14.95
CA PHE D 43 -2.78 -2.22 15.15
C PHE D 43 -1.29 -2.18 14.94
N VAL D 44 -0.57 -2.90 15.80
CA VAL D 44 0.87 -3.06 15.67
C VAL D 44 1.25 -4.53 15.82
N LEU D 45 2.28 -4.94 15.08
CA LEU D 45 2.76 -6.31 15.12
C LEU D 45 4.15 -6.27 15.74
N ILE D 46 4.27 -6.73 16.97
CA ILE D 46 5.51 -6.53 17.72
C ILE D 46 6.02 -7.80 18.41
N SER D 47 7.31 -7.84 18.69
CA SER D 47 7.95 -9.04 19.21
C SER D 47 7.82 -9.14 20.73
N HIS D 48 7.40 -10.30 21.22
CA HIS D 48 7.33 -10.56 22.65
C HIS D 48 8.71 -10.47 23.31
N ILE D 49 9.76 -10.60 22.52
CA ILE D 49 11.11 -10.45 23.07
C ILE D 49 11.37 -9.00 23.51
N ALA D 50 10.67 -8.07 22.91
CA ALA D 50 10.88 -6.66 23.20
C ALA D 50 10.07 -6.23 24.42
N ARG D 51 10.56 -5.23 25.14
CA ARG D 51 9.87 -4.81 26.35
C ARG D 51 8.45 -4.29 26.10
N HIS D 52 8.24 -3.55 25.01
CA HIS D 52 6.91 -2.94 24.81
C HIS D 52 5.81 -3.99 24.69
N ALA D 53 6.11 -5.13 24.08
CA ALA D 53 5.13 -6.21 23.95
C ALA D 53 4.77 -6.84 25.30
N ARG D 54 5.77 -7.02 26.15
CA ARG D 54 5.52 -7.61 27.46
C ARG D 54 4.81 -6.60 28.35
N ASN D 55 5.13 -5.31 28.16
CA ASN D 55 4.42 -4.25 28.87
C ASN D 55 2.95 -4.22 28.49
N LEU D 56 2.64 -4.20 27.21
CA LEU D 56 1.25 -4.16 26.78
C LEU D 56 0.47 -5.37 27.25
N GLU D 57 1.16 -6.50 27.39
CA GLU D 57 0.55 -7.73 27.90
C GLU D 57 0.10 -7.59 29.35
N VAL D 58 0.92 -6.97 30.19
CA VAL D 58 0.69 -6.99 31.63
C VAL D 58 0.04 -5.70 32.15
N ASN D 59 0.18 -4.62 31.38
CA ASN D 59 -0.28 -3.30 31.80
C ASN D 59 -0.75 -2.59 30.55
N PRO D 60 -2.00 -2.82 30.15
CA PRO D 60 -2.49 -2.49 28.80
C PRO D 60 -2.87 -1.02 28.56
N GLN D 61 -2.11 -0.10 29.13
CA GLN D 61 -2.29 1.31 28.79
C GLN D 61 -1.09 1.78 27.96
N VAL D 62 -1.33 2.63 26.98
CA VAL D 62 -0.25 3.14 26.13
C VAL D 62 -0.51 4.59 25.79
N SER D 63 0.56 5.34 25.58
CA SER D 63 0.41 6.65 24.99
C SER D 63 1.04 6.61 23.60
N ILE D 64 0.30 7.10 22.62
CA ILE D 64 0.64 6.93 21.22
C ILE D 64 0.87 8.27 20.53
N MET D 65 1.91 8.33 19.72
CA MET D 65 2.19 9.56 18.97
C MET D 65 2.55 9.24 17.53
N MET D 66 1.93 9.99 16.63
CA MET D 66 2.29 9.97 15.23
C MET D 66 2.93 11.34 14.95
N ILE D 67 4.19 11.35 14.53
CA ILE D 67 4.93 12.62 14.51
C ILE D 67 5.71 12.81 13.22
N GLU D 68 5.72 14.03 12.69
CA GLU D 68 6.48 14.29 11.46
C GLU D 68 7.98 14.07 11.69
N ASP D 69 8.69 13.72 10.61
CA ASP D 69 10.13 13.52 10.69
C ASP D 69 10.89 14.79 11.09
N GLU D 70 12.00 14.59 11.79
CA GLU D 70 12.84 15.65 12.31
C GLU D 70 13.45 16.53 11.20
N THR D 71 13.86 15.91 10.10
CA THR D 71 14.46 16.66 9.01
C THR D 71 13.39 17.32 8.16
N GLU D 72 12.14 16.92 8.35
CA GLU D 72 10.99 17.52 7.67
C GLU D 72 10.51 18.78 8.38
N ALA D 73 10.70 18.81 9.70
CA ALA D 73 10.09 19.83 10.54
C ALA D 73 10.55 21.25 10.19
N LYS D 74 9.59 22.13 9.98
CA LYS D 74 9.88 23.56 9.80
C LYS D 74 10.42 24.11 11.12
N GLN D 75 9.81 23.67 12.21
CA GLN D 75 10.22 24.10 13.54
C GLN D 75 10.44 22.90 14.47
N LEU D 76 11.70 22.63 14.81
CA LEU D 76 12.04 21.54 15.71
C LEU D 76 11.29 21.59 17.04
N PHE D 77 11.01 22.79 17.54
CA PHE D 77 10.30 22.93 18.81
C PHE D 77 8.78 22.86 18.67
N ALA D 78 8.33 22.59 17.45
CA ALA D 78 6.90 22.38 17.21
C ALA D 78 6.73 21.40 16.08
N ARG D 79 7.17 20.16 16.31
CA ARG D 79 6.96 19.10 15.35
C ARG D 79 5.47 18.78 15.23
N LYS D 80 5.00 18.75 13.99
CA LYS D 80 3.63 18.38 13.68
C LYS D 80 3.34 16.97 14.19
N ARG D 81 2.24 16.80 14.90
CA ARG D 81 1.99 15.50 15.54
C ARG D 81 0.56 15.30 16.01
N LEU D 82 0.17 14.03 16.12
CA LEU D 82 -1.08 13.64 16.77
C LEU D 82 -0.76 12.76 17.96
N THR D 83 -1.41 13.01 19.09
CA THR D 83 -1.18 12.18 20.27
C THR D 83 -2.47 11.76 20.96
N PHE D 84 -2.52 10.49 21.37
CA PHE D 84 -3.66 9.97 22.13
C PHE D 84 -3.27 8.81 23.05
N ASP D 85 -3.95 8.72 24.19
CA ASP D 85 -3.86 7.55 25.05
C ASP D 85 -4.77 6.47 24.49
N ALA D 86 -4.47 5.22 24.81
CA ALA D 86 -5.22 4.10 24.27
C ALA D 86 -5.18 2.88 25.20
N VAL D 87 -6.13 1.97 25.00
CA VAL D 87 -6.13 0.72 25.74
C VAL D 87 -5.72 -0.39 24.79
N ALA D 88 -4.83 -1.26 25.25
CA ALA D 88 -4.25 -2.28 24.41
C ALA D 88 -4.92 -3.65 24.61
N SER D 89 -5.03 -4.40 23.52
CA SER D 89 -5.72 -5.69 23.49
C SER D 89 -4.91 -6.66 22.63
N MET D 90 -4.68 -7.88 23.13
CA MET D 90 -4.01 -8.92 22.33
C MET D 90 -4.95 -9.57 21.32
N VAL D 91 -4.53 -9.66 20.05
CA VAL D 91 -5.36 -10.29 19.03
C VAL D 91 -4.94 -11.75 18.81
N GLU D 92 -5.89 -12.66 19.01
CA GLU D 92 -5.62 -14.09 18.93
C GLU D 92 -5.17 -14.48 17.55
N ARG D 93 -3.98 -15.04 17.44
CA ARG D 93 -3.44 -15.30 16.11
C ARG D 93 -4.31 -16.31 15.38
N ASP D 94 -4.37 -16.17 14.06
CA ASP D 94 -5.22 -17.00 13.22
C ASP D 94 -6.71 -16.77 13.48
N SER D 95 -7.03 -15.87 14.42
CA SER D 95 -8.40 -15.41 14.57
C SER D 95 -8.80 -14.59 13.34
N GLU D 96 -10.07 -14.24 13.26
CA GLU D 96 -10.62 -13.50 12.13
C GLU D 96 -10.05 -12.09 12.03
N LEU D 97 -9.94 -11.42 13.16
CA LEU D 97 -9.35 -10.08 13.18
C LEU D 97 -7.87 -10.17 12.84
N TRP D 98 -7.24 -11.24 13.31
CA TRP D 98 -5.82 -11.45 13.05
C TRP D 98 -5.57 -11.51 11.55
N CYS D 99 -6.29 -12.40 10.88
CA CYS D 99 -6.16 -12.56 9.43
C CYS D 99 -6.55 -11.26 8.70
N GLN D 100 -7.60 -10.59 9.16
CA GLN D 100 -7.99 -9.31 8.54
C GLN D 100 -6.83 -8.33 8.56
N VAL D 101 -6.25 -8.17 9.73
CA VAL D 101 -5.22 -7.15 9.97
C VAL D 101 -3.88 -7.52 9.32
N ILE D 102 -3.51 -8.79 9.39
CA ILE D 102 -2.30 -9.21 8.71
C ILE D 102 -2.37 -8.89 7.22
N ALA D 103 -3.53 -9.11 6.60
CA ALA D 103 -3.67 -8.81 5.18
C ALA D 103 -3.54 -7.31 4.93
N GLN D 104 -4.15 -6.52 5.82
CA GLN D 104 -4.06 -5.09 5.69
C GLN D 104 -2.60 -4.68 5.82
N MET D 105 -1.91 -5.24 6.81
CA MET D 105 -0.49 -4.93 7.03
C MET D 105 0.39 -5.29 5.85
N GLY D 106 0.05 -6.39 5.19
CA GLY D 106 0.75 -6.79 3.98
C GLY D 106 0.68 -5.72 2.90
N GLU D 107 -0.51 -5.15 2.69
CA GLU D 107 -0.66 -4.15 1.63
C GLU D 107 0.17 -2.92 1.92
N ARG D 108 0.23 -2.53 3.20
CA ARG D 108 0.91 -1.29 3.52
C ARG D 108 2.42 -1.49 3.53
N PHE D 109 2.86 -2.63 4.04
CA PHE D 109 4.30 -2.83 4.31
C PHE D 109 5.02 -3.85 3.42
N GLY D 110 4.27 -4.72 2.77
CA GLY D 110 4.87 -5.62 1.79
C GLY D 110 5.16 -6.99 2.36
N GLU D 111 6.05 -7.74 1.71
CA GLU D 111 6.28 -9.14 2.06
C GLU D 111 6.93 -9.33 3.43
N ILE D 112 7.61 -8.30 3.94
CA ILE D 112 8.18 -8.40 5.28
C ILE D 112 7.14 -8.98 6.22
N ILE D 113 5.87 -8.64 5.99
CA ILE D 113 4.79 -9.15 6.83
C ILE D 113 4.60 -10.67 6.74
N ASP D 114 4.89 -11.23 5.56
CA ASP D 114 4.79 -12.68 5.38
C ASP D 114 5.61 -13.39 6.45
N GLY D 115 6.87 -12.97 6.59
CA GLY D 115 7.77 -13.56 7.57
C GLY D 115 7.39 -13.26 9.01
N LEU D 116 7.15 -11.99 9.33
CA LEU D 116 6.86 -11.62 10.71
C LEU D 116 5.63 -12.36 11.25
N SER D 117 4.62 -12.48 10.40
CA SER D 117 3.35 -13.06 10.81
C SER D 117 3.49 -14.56 11.09
N GLN D 118 4.63 -15.14 10.69
CA GLN D 118 4.85 -16.56 10.92
C GLN D 118 5.86 -16.78 12.03
N LEU D 119 6.37 -15.71 12.61
CA LEU D 119 7.29 -15.83 13.73
C LEU D 119 6.53 -15.97 15.04
N GLN D 120 7.01 -16.90 15.86
CA GLN D 120 6.36 -17.25 17.11
C GLN D 120 6.35 -16.08 18.09
N ASP D 121 7.37 -15.24 18.06
CA ASP D 121 7.46 -14.16 19.04
C ASP D 121 6.61 -12.95 18.65
N PHE D 122 6.22 -12.85 17.40
CA PHE D 122 5.50 -11.66 16.96
C PHE D 122 4.01 -11.72 17.27
N MET D 123 3.54 -10.71 17.98
CA MET D 123 2.14 -10.68 18.39
C MET D 123 1.41 -9.40 17.97
N LEU D 124 0.11 -9.53 17.78
CA LEU D 124 -0.70 -8.44 17.26
C LEU D 124 -1.46 -7.78 18.41
N PHE D 125 -1.30 -6.47 18.53
CA PHE D 125 -2.00 -5.73 19.55
C PHE D 125 -2.95 -4.74 18.92
N ARG D 126 -4.18 -4.71 19.43
CA ARG D 126 -5.17 -3.70 19.05
C ARG D 126 -5.17 -2.54 20.06
N LEU D 127 -5.03 -1.32 19.54
CA LEU D 127 -4.94 -0.15 20.41
C LEU D 127 -6.17 0.70 20.18
N GLN D 128 -6.89 1.00 21.25
CA GLN D 128 -8.17 1.70 21.12
C GLN D 128 -8.21 2.97 21.95
N PRO D 129 -8.45 4.12 21.30
CA PRO D 129 -8.45 5.40 22.00
C PRO D 129 -9.69 5.57 22.86
N GLU D 130 -9.52 6.12 24.07
CA GLU D 130 -10.67 6.37 24.93
C GLU D 130 -10.64 7.75 25.61
N GLN D 131 -9.65 8.56 25.27
CA GLN D 131 -9.44 9.81 25.98
C GLN D 131 -9.18 10.98 25.03
N GLY D 132 -9.76 10.92 23.84
CA GLY D 132 -9.61 11.99 22.87
C GLY D 132 -8.24 12.04 22.20
N LEU D 133 -8.04 13.08 21.41
CA LEU D 133 -6.90 13.14 20.50
C LEU D 133 -6.37 14.55 20.60
N PHE D 134 -5.05 14.67 20.68
CA PHE D 134 -4.39 15.97 20.62
C PHE D 134 -3.75 16.20 19.25
N VAL D 135 -4.07 17.34 18.65
CA VAL D 135 -3.62 17.65 17.30
C VAL D 135 -2.78 18.92 17.35
N LYS D 136 -1.52 18.82 16.94
CA LYS D 136 -0.61 19.96 17.00
C LYS D 136 0.00 20.24 15.63
N GLY D 137 -0.18 21.45 15.12
CA GLY D 137 0.48 21.87 13.90
C GLY D 137 -0.34 21.81 12.62
N PHE D 138 -1.66 21.66 12.73
CA PHE D 138 -2.52 21.48 11.55
C PHE D 138 -3.47 22.66 11.27
N GLY D 139 -4.01 22.70 10.06
CA GLY D 139 -5.02 23.68 9.71
C GLY D 139 -4.57 25.10 9.96
N LEU D 140 -5.40 25.89 10.64
CA LEU D 140 -5.07 27.29 10.93
C LEU D 140 -3.72 27.39 11.63
N GLU D 141 -3.39 26.35 12.40
CA GLU D 141 -2.14 26.30 13.15
C GLU D 141 -0.89 26.07 12.30
N HIS D 142 -1.08 25.64 11.05
CA HIS D 142 0.07 25.28 10.23
C HIS D 142 0.96 26.49 9.91
#